data_5LDE
#
_entry.id   5LDE
#
_cell.length_a   90.510
_cell.length_b   90.510
_cell.length_c   134.780
_cell.angle_alpha   90.00
_cell.angle_beta   90.00
_cell.angle_gamma   120.00
#
_symmetry.space_group_name_H-M   'P 63'
#
loop_
_entity.id
_entity.type
_entity.pdbx_description
1 polymer 'Immunoglobulin G-binding protein G,Viral FLICE protein'
2 polymer 'Inhibitor of kappa light polypeptide gene enhancer in B-cells, kinase gamma, isoform CRA_a'
#
loop_
_entity_poly.entity_id
_entity_poly.type
_entity_poly.pdbx_seq_one_letter_code
_entity_poly.pdbx_strand_id
1 'polypeptide(L)'
;MQYKLILNGKTLKGETTTEAVDAATAEKVFKQYANDNGVDGEWTYDDATKTFTVTELEVLFQGPLDPNSMATYEVLCEVA
RKLGTDDREVVLFLLNVFIPQPTLAQLIGALRALKEEGRLTFPLLAECLFRAGRRDLLRDLLHLDPRFLERHLAGTMSYF
SPYQLTVLHVDGELCARDIRSLIFLSKDTIGSRSTPQTFLHWVYCMENLDLLGPTDVDALMSMLRSLSRVDLQRQVQTLM
GLHLSGPSHSQHYRHTPLEHHHHHH
;
A,B
2 'polypeptide(L)' LQVAYH(6ZS)LFQ(6ZS)YDNHIKSSC R,S
#
# COMPACT_ATOMS: atom_id res chain seq x y z
N GLN A 2 -32.77 12.06 -20.73
CA GLN A 2 -32.42 11.74 -19.35
C GLN A 2 -32.18 10.25 -19.14
N TYR A 3 -31.07 9.92 -18.45
CA TYR A 3 -30.68 8.55 -18.11
C TYR A 3 -30.29 8.51 -16.63
N LYS A 4 -30.87 7.57 -15.88
CA LYS A 4 -30.68 7.41 -14.44
C LYS A 4 -29.72 6.27 -14.07
N LEU A 5 -29.07 6.39 -12.89
CA LEU A 5 -28.16 5.37 -12.35
C LEU A 5 -28.43 5.07 -10.87
N ILE A 6 -28.92 3.85 -10.57
CA ILE A 6 -29.20 3.38 -9.22
C ILE A 6 -27.92 2.72 -8.69
N LEU A 7 -27.40 3.22 -7.55
CA LEU A 7 -26.16 2.71 -6.96
C LEU A 7 -26.40 1.79 -5.77
N ASN A 8 -25.80 0.58 -5.82
CA ASN A 8 -25.91 -0.45 -4.79
C ASN A 8 -24.58 -1.20 -4.60
N ALA A 20 -26.69 13.13 -22.08
CA ALA A 20 -26.35 12.13 -23.08
C ALA A 20 -27.17 12.27 -24.36
N VAL A 21 -26.59 11.88 -25.51
CA VAL A 21 -27.24 11.93 -26.84
C VAL A 21 -27.98 10.62 -27.16
N ASP A 22 -27.47 9.48 -26.66
CA ASP A 22 -28.04 8.15 -26.85
C ASP A 22 -27.71 7.23 -25.66
N ALA A 23 -28.42 6.08 -25.55
CA ALA A 23 -28.24 5.08 -24.49
C ALA A 23 -26.84 4.50 -24.39
N ALA A 24 -26.15 4.31 -25.54
CA ALA A 24 -24.79 3.78 -25.62
C ALA A 24 -23.76 4.69 -24.95
N THR A 25 -23.91 6.03 -25.13
CA THR A 25 -23.04 7.05 -24.54
C THR A 25 -23.32 7.12 -23.03
N ALA A 26 -24.62 7.06 -22.65
CA ALA A 26 -25.10 7.08 -21.26
C ALA A 26 -24.53 5.91 -20.45
N GLU A 27 -24.42 4.72 -21.07
CA GLU A 27 -23.87 3.52 -20.46
C GLU A 27 -22.37 3.68 -20.23
N LYS A 28 -21.65 4.24 -21.23
CA LYS A 28 -20.20 4.49 -21.19
C LYS A 28 -19.82 5.47 -20.08
N VAL A 29 -20.65 6.53 -19.89
CA VAL A 29 -20.50 7.57 -18.88
C VAL A 29 -20.67 6.98 -17.46
N PHE A 30 -21.72 6.15 -17.27
CA PHE A 30 -22.00 5.50 -15.98
C PHE A 30 -20.97 4.43 -15.63
N LYS A 31 -20.54 3.62 -16.62
CA LYS A 31 -19.54 2.55 -16.44
C LYS A 31 -18.19 3.10 -16.00
N GLN A 32 -17.84 4.31 -16.49
CA GLN A 32 -16.61 5.02 -16.14
C GLN A 32 -16.77 5.70 -14.78
N TYR A 33 -18.02 6.14 -14.44
CA TYR A 33 -18.36 6.78 -13.17
C TYR A 33 -18.25 5.81 -12.00
N ALA A 34 -18.50 4.52 -12.25
CA ALA A 34 -18.40 3.45 -11.26
C ALA A 34 -16.95 3.20 -10.88
N ASN A 35 -16.05 3.06 -11.90
CA ASN A 35 -14.61 2.85 -11.71
C ASN A 35 -13.95 4.05 -11.03
N ASP A 36 -14.37 5.29 -11.40
CA ASP A 36 -13.87 6.54 -10.83
C ASP A 36 -14.17 6.62 -9.33
N ASN A 37 -15.36 6.13 -8.93
CA ASN A 37 -15.81 6.06 -7.53
C ASN A 37 -15.21 4.82 -6.85
N GLY A 38 -14.83 3.83 -7.66
CA GLY A 38 -14.23 2.57 -7.22
C GLY A 38 -15.15 1.35 -7.30
N VAL A 39 -16.47 1.58 -7.29
CA VAL A 39 -17.52 0.55 -7.34
C VAL A 39 -17.52 -0.23 -8.66
N ASP A 40 -17.96 -1.50 -8.64
CA ASP A 40 -18.06 -2.37 -9.84
C ASP A 40 -19.04 -3.53 -9.64
N GLY A 41 -20.33 -3.22 -9.77
CA GLY A 41 -21.39 -4.20 -9.62
C GLY A 41 -22.02 -4.64 -10.92
N GLU A 42 -23.11 -5.42 -10.84
CA GLU A 42 -23.84 -5.93 -12.01
C GLU A 42 -24.72 -4.86 -12.64
N TRP A 43 -24.62 -4.71 -13.97
CA TRP A 43 -25.35 -3.71 -14.75
C TRP A 43 -26.64 -4.23 -15.36
N THR A 44 -27.78 -3.58 -15.01
CA THR A 44 -29.11 -3.90 -15.52
C THR A 44 -29.78 -2.59 -15.96
N TYR A 45 -30.00 -2.42 -17.27
CA TYR A 45 -30.60 -1.21 -17.82
C TYR A 45 -31.94 -1.46 -18.52
N ASP A 46 -32.90 -0.54 -18.31
CA ASP A 46 -34.25 -0.60 -18.89
C ASP A 46 -34.39 0.51 -19.95
N ASP A 47 -34.72 0.10 -21.19
CA ASP A 47 -34.86 1.00 -22.35
C ASP A 47 -36.15 1.85 -22.34
N ALA A 48 -37.15 1.49 -21.50
CA ALA A 48 -38.41 2.23 -21.42
C ALA A 48 -38.39 3.33 -20.35
N THR A 49 -37.94 3.00 -19.12
CA THR A 49 -37.86 3.94 -17.99
C THR A 49 -36.62 4.84 -18.07
N LYS A 50 -35.62 4.43 -18.89
CA LYS A 50 -34.32 5.09 -19.12
C LYS A 50 -33.52 5.17 -17.80
N THR A 51 -33.24 3.99 -17.22
CA THR A 51 -32.52 3.81 -15.94
C THR A 51 -31.60 2.59 -16.01
N PHE A 52 -30.43 2.68 -15.34
CA PHE A 52 -29.42 1.62 -15.21
C PHE A 52 -29.11 1.42 -13.72
N THR A 53 -28.98 0.16 -13.28
CA THR A 53 -28.68 -0.14 -11.86
C THR A 53 -27.34 -0.85 -11.72
N VAL A 54 -26.66 -0.67 -10.57
CA VAL A 54 -25.37 -1.31 -10.32
C VAL A 54 -25.52 -2.31 -9.11
N GLU A 56 -22.94 -4.71 -6.95
CA GLU A 56 -22.42 -5.76 -6.09
C GLU A 56 -21.10 -5.37 -5.40
N LEU A 57 -19.95 -5.83 -5.93
CA LEU A 57 -18.59 -5.66 -5.42
C LEU A 57 -18.11 -4.21 -5.34
N GLU A 58 -17.02 -3.97 -4.57
CA GLU A 58 -16.38 -2.67 -4.35
C GLU A 58 -14.93 -2.92 -3.93
N VAL A 59 -13.95 -2.16 -4.47
CA VAL A 59 -12.51 -2.25 -4.15
C VAL A 59 -11.79 -0.90 -4.43
N LEU A 60 -11.96 0.10 -3.55
CA LEU A 60 -11.32 1.41 -3.70
C LEU A 60 -10.76 1.93 -2.39
N ASP A 66 -16.30 3.60 1.03
CA ASP A 66 -17.58 2.99 1.34
C ASP A 66 -18.27 3.74 2.53
N PRO A 67 -17.88 3.57 3.85
CA PRO A 67 -18.58 4.31 4.90
C PRO A 67 -18.00 5.69 5.08
N ASN A 68 -16.90 5.87 5.88
CA ASN A 68 -16.26 7.17 6.16
C ASN A 68 -15.59 7.75 4.92
N SER A 69 -15.10 6.91 4.00
CA SER A 69 -14.54 7.38 2.73
C SER A 69 -15.63 8.15 1.92
N MET A 70 -16.86 8.19 2.49
CA MET A 70 -18.06 8.89 2.06
C MET A 70 -18.63 9.79 3.20
N ALA A 71 -18.64 9.31 4.48
CA ALA A 71 -19.15 10.01 5.67
C ALA A 71 -18.21 11.10 6.22
N THR A 72 -16.93 11.07 5.80
CA THR A 72 -15.90 12.06 6.17
C THR A 72 -16.16 13.35 5.40
N TYR A 73 -16.53 13.25 4.10
CA TYR A 73 -16.83 14.38 3.20
C TYR A 73 -17.84 15.37 3.80
N GLU A 74 -18.76 14.89 4.65
CA GLU A 74 -19.79 15.69 5.34
C GLU A 74 -19.15 16.77 6.22
N VAL A 75 -17.98 16.46 6.83
CA VAL A 75 -17.19 17.38 7.66
C VAL A 75 -16.64 18.48 6.74
N LEU A 76 -15.98 18.07 5.63
CA LEU A 76 -15.36 18.91 4.60
C LEU A 76 -16.38 19.86 3.95
N CYS A 77 -17.62 19.38 3.68
CA CYS A 77 -18.71 20.15 3.09
C CYS A 77 -19.17 21.27 4.03
N GLU A 78 -19.39 20.93 5.32
CA GLU A 78 -19.80 21.87 6.38
C GLU A 78 -18.71 22.90 6.66
N VAL A 79 -17.42 22.49 6.56
CA VAL A 79 -16.25 23.36 6.76
C VAL A 79 -16.15 24.39 5.62
N ALA A 80 -16.23 23.93 4.36
CA ALA A 80 -16.14 24.75 3.15
C ALA A 80 -17.28 25.75 2.99
N ARG A 81 -18.53 25.33 3.33
CA ARG A 81 -19.72 26.17 3.24
C ARG A 81 -19.71 27.32 4.27
N LYS A 82 -19.07 27.09 5.43
CA LYS A 82 -18.95 28.06 6.51
C LYS A 82 -17.58 28.76 6.54
N LEU A 83 -16.75 28.55 5.50
CA LEU A 83 -15.40 29.13 5.40
C LEU A 83 -15.43 30.64 5.11
N GLY A 84 -15.92 31.03 3.93
CA GLY A 84 -16.04 32.43 3.55
C GLY A 84 -14.88 33.05 2.80
N THR A 85 -15.23 33.76 1.70
CA THR A 85 -14.42 34.51 0.72
C THR A 85 -12.88 34.51 0.90
N ASP A 86 -12.34 35.23 1.91
CA ASP A 86 -10.90 35.36 2.13
C ASP A 86 -10.24 34.16 2.81
N ASP A 87 -11.00 33.38 3.61
CA ASP A 87 -10.49 32.17 4.28
C ASP A 87 -10.30 31.05 3.26
N ARG A 88 -11.07 31.09 2.15
CA ARG A 88 -11.01 30.14 1.04
C ARG A 88 -9.62 30.18 0.40
N GLU A 89 -9.07 31.39 0.22
CA GLU A 89 -7.74 31.65 -0.33
C GLU A 89 -6.66 31.10 0.57
N VAL A 90 -6.76 31.36 1.90
CA VAL A 90 -5.81 30.90 2.92
C VAL A 90 -5.70 29.36 2.88
N VAL A 91 -6.84 28.67 2.96
CA VAL A 91 -6.97 27.21 2.93
C VAL A 91 -6.38 26.63 1.62
N LEU A 92 -6.80 27.15 0.45
CA LEU A 92 -6.31 26.69 -0.85
C LEU A 92 -4.82 26.99 -1.08
N PHE A 93 -4.31 28.09 -0.48
CA PHE A 93 -2.90 28.47 -0.55
C PHE A 93 -2.08 27.47 0.26
N LEU A 94 -2.52 27.20 1.51
CA LEU A 94 -1.88 26.26 2.43
C LEU A 94 -1.94 24.81 1.93
N LEU A 95 -2.98 24.47 1.15
CA LEU A 95 -3.13 23.13 0.57
C LEU A 95 -2.65 23.10 -0.90
N ASN A 96 -1.51 23.79 -1.15
CA ASN A 96 -0.79 23.96 -2.41
C ASN A 96 -1.65 24.49 -3.58
N VAL A 97 -2.55 23.63 -4.14
CA VAL A 97 -3.44 23.98 -5.25
C VAL A 97 -4.39 25.12 -4.82
N PHE A 98 -4.01 26.35 -5.22
CA PHE A 98 -4.70 27.59 -4.92
C PHE A 98 -5.39 28.14 -6.17
N ILE A 99 -6.64 28.62 -6.00
CA ILE A 99 -7.43 29.25 -7.06
C ILE A 99 -7.71 30.70 -6.63
N PRO A 100 -7.46 31.72 -7.47
CA PRO A 100 -7.71 33.11 -7.04
C PRO A 100 -9.19 33.46 -6.97
N GLN A 101 -9.63 34.01 -5.81
CA GLN A 101 -11.02 34.36 -5.48
C GLN A 101 -11.98 33.21 -5.84
N PRO A 102 -11.90 32.07 -5.12
CA PRO A 102 -12.76 30.93 -5.48
C PRO A 102 -14.18 31.05 -4.96
N THR A 103 -15.06 30.20 -5.49
CA THR A 103 -16.47 30.10 -5.10
C THR A 103 -16.64 28.78 -4.33
N LEU A 104 -17.83 28.54 -3.75
CA LEU A 104 -18.14 27.31 -3.01
C LEU A 104 -17.89 26.08 -3.90
N ALA A 105 -18.42 26.10 -5.14
CA ALA A 105 -18.28 25.04 -6.14
C ALA A 105 -16.82 24.78 -6.55
N GLN A 106 -15.96 25.81 -6.48
CA GLN A 106 -14.53 25.71 -6.79
C GLN A 106 -13.77 25.07 -5.63
N LEU A 107 -14.02 25.56 -4.40
CA LEU A 107 -13.40 25.10 -3.15
C LEU A 107 -13.82 23.68 -2.78
N ILE A 108 -15.15 23.39 -2.74
CA ILE A 108 -15.74 22.08 -2.45
C ILE A 108 -15.16 21.00 -3.40
N GLY A 109 -15.06 21.36 -4.67
CA GLY A 109 -14.49 20.51 -5.72
C GLY A 109 -13.02 20.24 -5.54
N ALA A 110 -12.22 21.29 -5.22
CA ALA A 110 -10.78 21.19 -4.98
C ALA A 110 -10.44 20.41 -3.71
N LEU A 111 -11.22 20.61 -2.63
CA LEU A 111 -11.04 19.91 -1.35
C LEU A 111 -11.37 18.42 -1.48
N ARG A 112 -12.47 18.08 -2.20
CA ARG A 112 -12.90 16.70 -2.44
C ARG A 112 -11.94 15.98 -3.38
N ALA A 113 -11.25 16.74 -4.26
CA ALA A 113 -10.25 16.21 -5.18
C ALA A 113 -8.99 15.84 -4.40
N LEU A 114 -8.58 16.69 -3.42
CA LEU A 114 -7.42 16.47 -2.56
C LEU A 114 -7.61 15.24 -1.66
N LYS A 115 -8.82 15.09 -1.06
CA LYS A 115 -9.19 13.98 -0.19
C LYS A 115 -9.17 12.64 -0.95
N GLU A 116 -9.65 12.66 -2.22
CA GLU A 116 -9.66 11.50 -3.12
C GLU A 116 -8.25 11.16 -3.58
N GLU A 117 -7.35 12.17 -3.62
CA GLU A 117 -5.94 12.01 -4.00
C GLU A 117 -5.08 11.54 -2.82
N GLY A 118 -5.64 11.62 -1.61
CA GLY A 118 -4.98 11.19 -0.38
C GLY A 118 -4.12 12.25 0.30
N ARG A 119 -3.95 13.42 -0.37
CA ARG A 119 -3.16 14.55 0.13
C ARG A 119 -3.74 15.16 1.41
N LEU A 120 -5.08 15.34 1.45
CA LEU A 120 -5.79 15.91 2.60
C LEU A 120 -5.96 14.88 3.70
N THR A 121 -5.60 15.27 4.94
CA THR A 121 -5.72 14.45 6.16
C THR A 121 -6.47 15.28 7.22
N PHE A 122 -7.00 14.63 8.28
CA PHE A 122 -7.70 15.32 9.36
C PHE A 122 -6.73 16.24 10.16
N PRO A 123 -5.54 15.77 10.65
CA PRO A 123 -4.64 16.67 11.38
C PRO A 123 -4.12 17.86 10.56
N LEU A 124 -3.98 17.67 9.23
CA LEU A 124 -3.57 18.72 8.29
C LEU A 124 -4.69 19.76 8.20
N LEU A 125 -5.95 19.30 8.03
CA LEU A 125 -7.16 20.12 7.94
C LEU A 125 -7.37 20.95 9.21
N ALA A 126 -7.00 20.39 10.39
CA ALA A 126 -7.08 21.05 11.69
C ALA A 126 -6.12 22.23 11.74
N GLU A 127 -4.83 22.01 11.39
CA GLU A 127 -3.81 23.08 11.35
C GLU A 127 -4.17 24.09 10.26
N CYS A 128 -4.72 23.62 9.13
CA CYS A 128 -5.16 24.44 7.99
C CYS A 128 -6.23 25.43 8.45
N LEU A 129 -7.21 24.96 9.25
CA LEU A 129 -8.28 25.76 9.81
C LEU A 129 -7.78 26.64 10.95
N PHE A 130 -6.71 26.19 11.66
CA PHE A 130 -6.09 26.93 12.76
C PHE A 130 -5.36 28.17 12.21
N ARG A 131 -4.47 27.96 11.20
CA ARG A 131 -3.70 29.03 10.55
C ARG A 131 -4.61 30.06 9.89
N ALA A 132 -5.77 29.62 9.38
CA ALA A 132 -6.80 30.45 8.77
C ALA A 132 -7.37 31.46 9.78
N GLY A 133 -7.34 31.06 11.05
CA GLY A 133 -7.85 31.87 12.17
C GLY A 133 -9.26 31.45 12.55
N ARG A 134 -9.72 30.33 11.98
CA ARG A 134 -11.06 29.79 12.21
C ARG A 134 -11.08 28.80 13.39
N ARG A 135 -10.69 29.30 14.59
CA ARG A 135 -10.68 28.55 15.84
C ARG A 135 -12.11 28.21 16.26
N ASP A 136 -13.08 29.01 15.77
CA ASP A 136 -14.52 28.83 15.96
C ASP A 136 -14.97 27.53 15.28
N LEU A 137 -14.44 27.25 14.08
CA LEU A 137 -14.74 26.03 13.32
C LEU A 137 -14.05 24.81 13.90
N LEU A 138 -12.89 25.00 14.58
CA LEU A 138 -12.16 23.92 15.26
C LEU A 138 -12.97 23.45 16.46
N ARG A 139 -13.50 24.41 17.24
CA ARG A 139 -14.30 24.14 18.44
C ARG A 139 -15.68 23.57 18.10
N ASP A 140 -16.39 24.19 17.13
CA ASP A 140 -17.74 23.79 16.72
C ASP A 140 -17.81 22.59 15.77
N LEU A 141 -17.09 22.62 14.63
CA LEU A 141 -17.17 21.54 13.64
C LEU A 141 -16.17 20.40 13.85
N LEU A 142 -14.88 20.71 14.11
CA LEU A 142 -13.87 19.67 14.29
C LEU A 142 -13.81 19.09 15.70
N HIS A 143 -14.53 19.73 16.67
CA HIS A 143 -14.63 19.35 18.08
C HIS A 143 -13.27 19.36 18.82
N LEU A 144 -12.29 20.09 18.27
CA LEU A 144 -10.95 20.25 18.83
C LEU A 144 -10.83 21.59 19.54
N ASP A 145 -10.47 21.54 20.84
CA ASP A 145 -10.29 22.73 21.68
C ASP A 145 -9.07 23.51 21.16
N PRO A 146 -9.26 24.78 20.71
CA PRO A 146 -8.13 25.56 20.17
C PRO A 146 -7.03 25.87 21.18
N ARG A 147 -7.35 25.84 22.50
CA ARG A 147 -6.41 26.05 23.60
C ARG A 147 -5.43 24.88 23.64
N PHE A 148 -5.93 23.66 23.32
CA PHE A 148 -5.16 22.42 23.25
C PHE A 148 -4.36 22.37 21.93
N LEU A 149 -5.00 22.77 20.81
CA LEU A 149 -4.40 22.77 19.46
C LEU A 149 -3.20 23.70 19.37
N GLU A 150 -3.29 24.90 20.00
CA GLU A 150 -2.21 25.89 20.04
C GLU A 150 -1.01 25.35 20.85
N ARG A 151 -1.28 24.49 21.85
CA ARG A 151 -0.28 23.83 22.68
C ARG A 151 0.33 22.65 21.91
N HIS A 152 -0.51 21.94 21.12
CA HIS A 152 -0.12 20.80 20.28
C HIS A 152 0.84 21.27 19.18
N LEU A 153 0.55 22.43 18.57
CA LEU A 153 1.36 23.02 17.50
C LEU A 153 2.67 23.65 17.99
N ALA A 154 2.83 23.82 19.31
CA ALA A 154 4.04 24.39 19.91
C ALA A 154 5.20 23.39 19.80
N GLY A 155 4.99 22.15 20.26
CA GLY A 155 5.99 21.09 20.23
C GLY A 155 5.81 20.08 19.13
N THR A 156 5.35 20.51 17.94
CA THR A 156 5.16 19.64 16.77
C THR A 156 5.48 20.42 15.48
N MET A 157 6.24 19.77 14.57
CA MET A 157 6.63 20.31 13.28
C MET A 157 5.39 20.60 12.42
N SER A 158 5.27 21.84 11.95
CA SER A 158 4.15 22.33 11.14
C SER A 158 4.04 21.61 9.80
N TYR A 159 2.79 21.43 9.33
CA TYR A 159 2.47 20.79 8.05
C TYR A 159 2.82 21.74 6.89
N PHE A 160 2.95 23.05 7.18
CA PHE A 160 3.23 24.10 6.20
C PHE A 160 4.62 24.70 6.35
N SER A 161 5.22 25.05 5.19
CA SER A 161 6.54 25.64 5.00
C SER A 161 6.70 26.98 5.75
N PRO A 162 7.95 27.37 6.17
CA PRO A 162 8.12 28.69 6.82
C PRO A 162 7.71 29.81 5.88
N TYR A 163 7.91 29.63 4.55
CA TYR A 163 7.51 30.55 3.49
C TYR A 163 5.98 30.65 3.45
N GLN A 164 5.28 29.49 3.45
CA GLN A 164 3.82 29.40 3.45
C GLN A 164 3.26 30.20 4.64
N LEU A 165 3.81 29.95 5.84
CA LEU A 165 3.43 30.61 7.09
C LEU A 165 3.80 32.11 7.11
N THR A 166 4.92 32.50 6.44
CA THR A 166 5.37 33.90 6.35
C THR A 166 4.36 34.70 5.54
N VAL A 167 4.07 34.26 4.29
CA VAL A 167 3.11 34.87 3.36
C VAL A 167 1.76 35.06 4.06
N LEU A 168 1.32 34.05 4.85
CA LEU A 168 0.08 34.06 5.63
C LEU A 168 0.13 35.14 6.73
N HIS A 169 1.29 35.31 7.40
CA HIS A 169 1.50 36.31 8.45
C HIS A 169 1.44 37.73 7.86
N VAL A 170 2.15 37.96 6.73
CA VAL A 170 2.21 39.24 6.00
C VAL A 170 0.80 39.65 5.58
N ASP A 171 0.03 38.67 5.03
CA ASP A 171 -1.36 38.81 4.60
C ASP A 171 -2.27 39.35 5.71
N GLY A 172 -2.04 38.89 6.94
CA GLY A 172 -2.79 39.31 8.12
C GLY A 172 -2.50 40.72 8.55
N GLU A 173 -1.22 41.14 8.48
CA GLU A 173 -0.75 42.47 8.88
C GLU A 173 -1.00 43.57 7.84
N LEU A 174 -1.06 43.21 6.54
CA LEU A 174 -1.33 44.17 5.47
C LEU A 174 -2.78 44.64 5.55
N CYS A 175 -3.00 45.96 5.42
CA CYS A 175 -4.35 46.55 5.48
C CYS A 175 -5.01 46.66 4.10
N ALA A 176 -6.30 47.05 4.08
CA ALA A 176 -7.11 47.20 2.86
C ALA A 176 -6.52 48.23 1.88
N ARG A 177 -5.95 49.34 2.40
CA ARG A 177 -5.34 50.41 1.61
C ARG A 177 -4.02 49.95 0.96
N ASP A 178 -3.19 49.19 1.72
CA ASP A 178 -1.91 48.66 1.25
C ASP A 178 -2.08 47.65 0.11
N ILE A 179 -3.12 46.80 0.19
CA ILE A 179 -3.43 45.79 -0.82
C ILE A 179 -4.01 46.46 -2.09
N ARG A 180 -4.67 47.63 -1.94
CA ARG A 180 -5.18 48.43 -3.08
C ARG A 180 -3.99 49.03 -3.83
N SER A 181 -3.00 49.54 -3.07
CA SER A 181 -1.75 50.14 -3.58
C SER A 181 -0.86 49.05 -4.20
N LEU A 182 -0.92 47.82 -3.63
CA LEU A 182 -0.19 46.63 -4.08
C LEU A 182 -0.58 46.26 -5.52
N ILE A 183 -1.91 46.30 -5.82
CA ILE A 183 -2.47 46.01 -7.15
C ILE A 183 -2.00 47.07 -8.17
N PHE A 184 -1.92 48.35 -7.74
CA PHE A 184 -1.45 49.46 -8.58
C PHE A 184 0.02 49.27 -8.95
N LEU A 185 0.84 48.79 -7.99
CA LEU A 185 2.26 48.52 -8.20
C LEU A 185 2.48 47.21 -8.98
N SER A 186 1.52 46.26 -8.90
CA SER A 186 1.56 44.98 -9.61
C SER A 186 1.30 45.12 -11.11
N LYS A 187 0.69 46.27 -11.53
CA LYS A 187 0.37 46.60 -12.93
C LYS A 187 1.60 46.60 -13.85
N ASP A 188 2.82 46.64 -13.25
CA ASP A 188 4.10 46.58 -13.95
C ASP A 188 4.44 45.15 -14.38
N THR A 189 3.73 44.14 -13.80
CA THR A 189 3.88 42.71 -14.09
C THR A 189 2.52 42.05 -14.42
N ILE A 190 1.54 42.86 -14.88
CA ILE A 190 0.19 42.42 -15.23
C ILE A 190 -0.33 43.12 -16.51
N GLY A 191 -1.05 42.38 -17.39
CA GLY A 191 -1.40 40.98 -17.27
C GLY A 191 -2.89 40.71 -17.10
N SER A 192 -3.73 41.53 -17.76
CA SER A 192 -5.20 41.41 -17.72
C SER A 192 -5.72 40.49 -18.81
N SER A 194 -5.58 38.00 -15.87
CA SER A 194 -6.24 39.02 -15.06
C SER A 194 -5.38 39.50 -13.88
N THR A 195 -5.57 40.77 -13.49
CA THR A 195 -4.87 41.46 -12.40
C THR A 195 -5.24 40.87 -11.02
N PRO A 196 -4.38 40.98 -9.97
CA PRO A 196 -4.74 40.43 -8.66
C PRO A 196 -5.78 41.27 -7.92
N GLN A 197 -6.57 40.61 -7.05
CA GLN A 197 -7.61 41.27 -6.25
C GLN A 197 -7.29 41.25 -4.75
N THR A 198 -6.31 40.41 -4.35
CA THR A 198 -5.83 40.25 -2.96
C THR A 198 -4.30 40.06 -2.94
N PHE A 199 -3.68 40.09 -1.74
CA PHE A 199 -2.24 39.88 -1.58
C PHE A 199 -1.87 38.43 -1.92
N LEU A 200 -2.73 37.45 -1.53
CA LEU A 200 -2.53 36.03 -1.84
C LEU A 200 -2.68 35.78 -3.35
N HIS A 201 -3.46 36.64 -4.04
CA HIS A 201 -3.65 36.59 -5.50
C HIS A 201 -2.37 37.13 -6.14
N TRP A 202 -1.79 38.21 -5.57
CA TRP A 202 -0.54 38.82 -6.04
C TRP A 202 0.62 37.82 -5.92
N VAL A 203 0.67 37.08 -4.78
CA VAL A 203 1.67 36.04 -4.50
C VAL A 203 1.60 34.94 -5.57
N TYR A 204 0.37 34.45 -5.86
CA TYR A 204 0.09 33.41 -6.87
C TYR A 204 0.55 33.83 -8.26
N CYS A 205 0.33 35.10 -8.64
CA CYS A 205 0.74 35.67 -9.92
C CYS A 205 2.26 35.70 -10.03
N MET A 206 2.94 36.12 -8.94
CA MET A 206 4.41 36.19 -8.84
C MET A 206 5.05 34.80 -8.81
N GLU A 207 4.37 33.82 -8.17
CA GLU A 207 4.81 32.42 -8.08
C GLU A 207 4.80 31.77 -9.46
N ASN A 208 3.75 32.07 -10.27
CA ASN A 208 3.59 31.58 -11.64
C ASN A 208 4.61 32.25 -12.56
N LEU A 209 4.85 33.57 -12.37
CA LEU A 209 5.81 34.36 -13.12
C LEU A 209 7.26 34.06 -12.72
N ASP A 210 7.45 33.33 -11.59
CA ASP A 210 8.71 32.90 -11.00
C ASP A 210 9.62 34.08 -10.58
N LEU A 211 9.06 34.96 -9.73
CA LEU A 211 9.72 36.13 -9.14
C LEU A 211 9.73 35.95 -7.62
N LEU A 212 8.69 35.27 -7.11
CA LEU A 212 8.51 34.90 -5.70
C LEU A 212 8.59 33.37 -5.62
N GLY A 213 8.97 32.88 -4.45
CA GLY A 213 9.08 31.44 -4.17
C GLY A 213 9.71 31.16 -2.83
N PRO A 214 9.63 29.91 -2.32
CA PRO A 214 10.23 29.60 -1.00
C PRO A 214 11.74 29.85 -0.90
N THR A 215 12.46 29.77 -2.03
CA THR A 215 13.91 29.97 -2.09
C THR A 215 14.29 31.46 -2.15
N ASP A 216 13.51 32.27 -2.90
CA ASP A 216 13.73 33.70 -3.05
C ASP A 216 12.46 34.52 -2.73
N VAL A 217 12.49 35.22 -1.58
CA VAL A 217 11.40 36.08 -1.11
C VAL A 217 11.76 37.56 -1.29
N ASP A 218 12.73 37.84 -2.16
CA ASP A 218 13.22 39.20 -2.44
C ASP A 218 12.12 40.09 -3.00
N ALA A 219 11.25 39.53 -3.85
CA ALA A 219 10.12 40.21 -4.48
C ALA A 219 9.05 40.65 -3.47
N LEU A 220 8.85 39.85 -2.39
CA LEU A 220 7.90 40.15 -1.32
C LEU A 220 8.40 41.37 -0.53
N MET A 221 9.71 41.42 -0.25
CA MET A 221 10.38 42.50 0.48
C MET A 221 10.47 43.77 -0.38
N SER A 222 10.55 43.62 -1.73
CA SER A 222 10.60 44.74 -2.67
C SER A 222 9.27 45.48 -2.70
N MET A 223 8.15 44.73 -2.62
CA MET A 223 6.79 45.28 -2.59
C MET A 223 6.54 45.95 -1.24
N LEU A 224 6.93 45.29 -0.13
CA LEU A 224 6.77 45.80 1.24
C LEU A 224 7.60 47.06 1.52
N ARG A 225 8.73 47.23 0.80
CA ARG A 225 9.58 48.42 0.90
C ARG A 225 8.90 49.57 0.14
N SER A 226 8.25 49.24 -1.00
CA SER A 226 7.53 50.19 -1.85
C SER A 226 6.04 50.39 -1.44
N LEU A 227 5.68 49.90 -0.25
CA LEU A 227 4.36 50.05 0.37
C LEU A 227 4.53 50.72 1.74
N SER A 228 5.80 51.10 2.05
CA SER A 228 6.30 51.72 3.29
C SER A 228 6.19 50.82 4.53
N ARG A 229 5.82 49.53 4.34
CA ARG A 229 5.73 48.57 5.43
C ARG A 229 7.10 47.90 5.65
N VAL A 230 8.08 48.72 6.09
CA VAL A 230 9.45 48.31 6.40
C VAL A 230 9.47 47.34 7.59
N ASP A 231 8.45 47.45 8.47
CA ASP A 231 8.24 46.58 9.63
C ASP A 231 7.92 45.18 9.13
N LEU A 232 7.12 45.09 8.04
CA LEU A 232 6.73 43.82 7.41
C LEU A 232 7.88 43.27 6.59
N GLN A 233 8.69 44.17 5.98
CA GLN A 233 9.88 43.82 5.20
C GLN A 233 10.91 43.18 6.13
N ARG A 234 11.11 43.79 7.33
CA ARG A 234 12.02 43.31 8.38
C ARG A 234 11.53 41.99 8.95
N GLN A 235 10.19 41.83 9.07
CA GLN A 235 9.54 40.61 9.58
C GLN A 235 9.77 39.42 8.65
N VAL A 236 9.78 39.64 7.31
CA VAL A 236 10.04 38.62 6.29
C VAL A 236 11.52 38.21 6.41
N GLN A 237 12.42 39.21 6.61
CA GLN A 237 13.85 39.02 6.79
C GLN A 237 14.13 38.23 8.08
N THR A 238 13.37 38.53 9.16
CA THR A 238 13.44 37.87 10.47
C THR A 238 12.88 36.44 10.37
N LEU A 239 11.84 36.25 9.54
CA LEU A 239 11.20 34.95 9.33
C LEU A 239 12.05 34.02 8.47
N MET A 240 12.84 34.59 7.53
CA MET A 240 13.71 33.86 6.60
C MET A 240 14.71 34.80 5.88
N GLN B 2 -23.66 -30.51 10.88
CA GLN B 2 -23.53 -30.10 9.49
C GLN B 2 -24.26 -28.77 9.23
N TYR B 3 -23.54 -27.76 8.71
CA TYR B 3 -24.05 -26.43 8.38
C TYR B 3 -23.44 -25.91 7.08
N LYS B 4 -24.27 -25.33 6.20
CA LYS B 4 -23.84 -24.83 4.88
C LYS B 4 -23.73 -23.30 4.77
N LEU B 5 -22.76 -22.82 3.98
CA LEU B 5 -22.50 -21.41 3.69
C LEU B 5 -22.44 -21.17 2.18
N ILE B 6 -23.22 -20.19 1.68
CA ILE B 6 -23.30 -19.84 0.26
C ILE B 6 -22.75 -18.44 -0.01
N LEU B 7 -21.78 -18.34 -0.94
CA LEU B 7 -21.14 -17.09 -1.34
C LEU B 7 -21.75 -16.49 -2.61
N GLY B 14 -18.64 -21.58 -4.03
CA GLY B 14 -18.16 -21.35 -2.67
C GLY B 14 -19.06 -21.94 -1.60
N GLU B 15 -19.48 -23.21 -1.79
CA GLU B 15 -20.32 -23.93 -0.85
C GLU B 15 -19.49 -24.55 0.29
N THR B 16 -19.11 -23.70 1.27
CA THR B 16 -18.31 -24.10 2.43
C THR B 16 -19.20 -24.70 3.52
N THR B 17 -18.79 -25.84 4.10
CA THR B 17 -19.54 -26.54 5.15
C THR B 17 -18.73 -26.76 6.43
N THR B 18 -19.42 -26.75 7.59
CA THR B 18 -18.84 -26.95 8.92
C THR B 18 -19.70 -27.86 9.80
N GLU B 19 -19.15 -28.30 10.94
CA GLU B 19 -19.84 -29.12 11.93
C GLU B 19 -19.85 -28.34 13.25
N ALA B 20 -21.04 -27.90 13.68
CA ALA B 20 -21.21 -27.09 14.89
C ALA B 20 -22.18 -27.70 15.91
N VAL B 21 -22.00 -27.34 17.19
CA VAL B 21 -22.84 -27.79 18.32
C VAL B 21 -24.24 -27.15 18.28
N ASP B 22 -24.32 -25.90 17.79
CA ASP B 22 -25.57 -25.15 17.64
C ASP B 22 -25.46 -24.12 16.49
N ALA B 23 -26.61 -23.63 15.99
CA ALA B 23 -26.71 -22.67 14.87
C ALA B 23 -25.94 -21.36 15.08
N ALA B 24 -25.91 -20.84 16.33
CA ALA B 24 -25.20 -19.60 16.68
C ALA B 24 -23.69 -19.71 16.50
N THR B 25 -23.11 -20.90 16.81
CA THR B 25 -21.68 -21.21 16.66
C THR B 25 -21.33 -21.24 15.17
N ALA B 26 -22.20 -21.86 14.34
CA ALA B 26 -22.05 -21.97 12.88
C ALA B 26 -22.01 -20.59 12.23
N GLU B 27 -22.81 -19.63 12.73
CA GLU B 27 -22.86 -18.25 12.24
C GLU B 27 -21.55 -17.51 12.57
N LYS B 28 -21.00 -17.74 13.79
CA LYS B 28 -19.75 -17.16 14.26
C LYS B 28 -18.55 -17.65 13.44
N VAL B 29 -18.52 -18.96 13.14
CA VAL B 29 -17.48 -19.64 12.36
C VAL B 29 -17.51 -19.11 10.91
N PHE B 30 -18.71 -18.98 10.31
CA PHE B 30 -18.91 -18.47 8.95
C PHE B 30 -18.60 -16.98 8.82
N LYS B 31 -18.96 -16.17 9.85
CA LYS B 31 -18.71 -14.72 9.88
C LYS B 31 -17.20 -14.43 9.93
N GLN B 32 -16.43 -15.36 10.54
CA GLN B 32 -14.97 -15.29 10.63
C GLN B 32 -14.36 -15.64 9.27
N TYR B 33 -14.95 -16.63 8.56
CA TYR B 33 -14.53 -17.09 7.23
C TYR B 33 -14.75 -15.98 6.18
N ALA B 34 -15.77 -15.13 6.40
CA ALA B 34 -16.11 -13.99 5.55
C ALA B 34 -14.98 -12.95 5.56
N ASN B 35 -14.46 -12.59 6.75
CA ASN B 35 -13.35 -11.65 6.93
C ASN B 35 -12.05 -12.27 6.41
N ASP B 36 -11.81 -13.57 6.74
CA ASP B 36 -10.63 -14.35 6.33
C ASP B 36 -10.42 -14.31 4.81
N ASN B 37 -11.52 -14.43 4.04
CA ASN B 37 -11.50 -14.36 2.58
C ASN B 37 -11.49 -12.89 2.15
N GLY B 38 -12.34 -12.07 2.78
CA GLY B 38 -12.46 -10.64 2.53
C GLY B 38 -13.86 -10.17 2.17
N VAL B 39 -14.77 -11.11 1.86
CA VAL B 39 -16.16 -10.86 1.46
C VAL B 39 -17.02 -10.44 2.66
N ASP B 40 -17.89 -9.42 2.46
CA ASP B 40 -18.79 -8.90 3.50
C ASP B 40 -20.18 -8.52 2.95
N GLY B 41 -21.03 -9.53 2.77
CA GLY B 41 -22.39 -9.36 2.27
C GLY B 41 -23.46 -9.55 3.32
N GLU B 42 -24.74 -9.41 2.91
CA GLU B 42 -25.91 -9.55 3.79
C GLU B 42 -26.16 -11.02 4.12
N TRP B 43 -26.28 -11.34 5.44
CA TRP B 43 -26.47 -12.71 5.93
C TRP B 43 -27.94 -13.13 6.05
N THR B 44 -28.27 -14.32 5.49
CA THR B 44 -29.61 -14.92 5.54
C THR B 44 -29.51 -16.40 5.98
N TYR B 45 -29.97 -16.70 7.20
CA TYR B 45 -29.93 -18.05 7.76
C TYR B 45 -31.30 -18.72 7.78
N THR B 49 -34.06 -26.09 7.60
CA THR B 49 -33.35 -25.36 6.54
C THR B 49 -31.85 -25.67 6.59
N LYS B 50 -31.16 -25.19 7.67
CA LYS B 50 -29.73 -25.38 7.97
C LYS B 50 -28.77 -24.89 6.85
N THR B 51 -28.86 -23.59 6.49
CA THR B 51 -28.01 -22.93 5.47
C THR B 51 -27.90 -21.41 5.76
N PHE B 52 -26.77 -20.79 5.36
CA PHE B 52 -26.50 -19.36 5.51
C PHE B 52 -25.96 -18.78 4.19
N THR B 53 -26.54 -17.65 3.70
CA THR B 53 -26.09 -17.01 2.46
C THR B 53 -25.51 -15.63 2.72
N VAL B 54 -24.46 -15.25 1.98
CA VAL B 54 -23.79 -13.96 2.13
C VAL B 54 -24.04 -13.08 0.87
N GLU B 56 -22.49 -10.20 -1.36
CA GLU B 56 -23.10 -8.95 -1.80
C GLU B 56 -22.08 -7.82 -1.91
N LEU B 57 -21.05 -7.84 -1.07
CA LEU B 57 -19.94 -6.88 -1.07
C LEU B 57 -18.61 -7.55 -0.71
N GLU B 58 -17.49 -6.93 -1.13
CA GLU B 58 -16.12 -7.43 -0.90
C GLU B 58 -15.11 -6.28 -0.88
N VAL B 59 -13.85 -6.58 -0.48
CA VAL B 59 -12.68 -5.68 -0.41
C VAL B 59 -11.40 -6.59 -0.54
N LEU B 60 -10.21 -6.09 -0.11
CA LEU B 60 -8.89 -6.72 -0.11
C LEU B 60 -8.91 -8.19 0.31
N GLY B 63 -16.67 -10.09 -9.02
CA GLY B 63 -16.71 -11.44 -9.58
C GLY B 63 -15.43 -11.78 -10.35
N PRO B 64 -15.06 -10.96 -11.35
CA PRO B 64 -13.87 -11.12 -12.20
C PRO B 64 -12.60 -11.32 -11.36
N LEU B 65 -12.34 -10.40 -10.41
CA LEU B 65 -11.19 -10.42 -9.50
C LEU B 65 -11.13 -11.73 -8.70
N ASP B 66 -12.29 -12.18 -8.14
CA ASP B 66 -12.43 -13.41 -7.38
C ASP B 66 -12.01 -14.63 -8.20
N PRO B 67 -12.52 -14.75 -9.45
CA PRO B 67 -12.19 -15.82 -10.40
C PRO B 67 -10.69 -15.90 -10.65
N ASN B 68 -10.03 -14.73 -10.86
CA ASN B 68 -8.59 -14.60 -11.09
C ASN B 68 -7.78 -15.10 -9.89
N SER B 69 -8.15 -14.67 -8.66
CA SER B 69 -7.51 -15.05 -7.39
C SER B 69 -7.55 -16.57 -7.18
N MET B 70 -8.73 -17.19 -7.38
CA MET B 70 -8.96 -18.63 -7.27
C MET B 70 -8.19 -19.38 -8.36
N ALA B 71 -8.13 -18.81 -9.60
CA ALA B 71 -7.41 -19.38 -10.74
C ALA B 71 -5.90 -19.40 -10.51
N THR B 72 -5.33 -18.33 -9.90
CA THR B 72 -3.90 -18.22 -9.57
C THR B 72 -3.45 -19.43 -8.73
N TYR B 73 -4.30 -19.86 -7.78
CA TYR B 73 -4.07 -21.00 -6.89
C TYR B 73 -3.85 -22.30 -7.67
N GLU B 74 -4.50 -22.47 -8.85
CA GLU B 74 -4.36 -23.64 -9.73
C GLU B 74 -2.90 -23.92 -10.04
N VAL B 75 -2.12 -22.86 -10.36
CA VAL B 75 -0.68 -22.94 -10.65
C VAL B 75 0.03 -23.59 -9.45
N LEU B 76 -0.24 -23.11 -8.22
CA LEU B 76 0.36 -23.62 -6.99
C LEU B 76 -0.13 -25.02 -6.60
N CYS B 77 -1.44 -25.32 -6.83
CA CYS B 77 -2.04 -26.63 -6.54
C CYS B 77 -1.47 -27.70 -7.46
N GLU B 78 -1.42 -27.43 -8.78
CA GLU B 78 -0.87 -28.33 -9.81
C GLU B 78 0.64 -28.54 -9.62
N VAL B 79 1.36 -27.49 -9.16
CA VAL B 79 2.80 -27.53 -8.88
C VAL B 79 3.08 -28.44 -7.68
N ALA B 80 2.37 -28.22 -6.55
CA ALA B 80 2.51 -28.97 -5.31
C ALA B 80 2.13 -30.45 -5.42
N ARG B 81 1.07 -30.77 -6.18
CA ARG B 81 0.59 -32.14 -6.39
C ARG B 81 1.57 -32.97 -7.23
N LYS B 82 2.30 -32.31 -8.14
CA LYS B 82 3.29 -32.94 -9.03
C LYS B 82 4.74 -32.74 -8.55
N LEU B 83 4.92 -32.20 -7.33
CA LEU B 83 6.25 -31.93 -6.74
C LEU B 83 6.98 -33.22 -6.32
N GLY B 84 6.45 -33.94 -5.34
CA GLY B 84 7.02 -35.20 -4.87
C GLY B 84 8.01 -35.13 -3.72
N THR B 85 7.79 -36.01 -2.72
CA THR B 85 8.51 -36.29 -1.47
C THR B 85 9.74 -35.40 -1.14
N ASP B 86 10.88 -35.59 -1.85
CA ASP B 86 12.13 -34.86 -1.58
C ASP B 86 12.17 -33.43 -2.13
N ASP B 87 11.42 -33.14 -3.21
CA ASP B 87 11.34 -31.80 -3.80
C ASP B 87 10.53 -30.86 -2.90
N ARG B 88 9.61 -31.44 -2.10
CA ARG B 88 8.77 -30.75 -1.12
C ARG B 88 9.64 -30.06 -0.08
N GLU B 89 10.68 -30.77 0.39
CA GLU B 89 11.66 -30.29 1.37
C GLU B 89 12.48 -29.13 0.81
N VAL B 90 12.97 -29.26 -0.45
CA VAL B 90 13.76 -28.26 -1.16
C VAL B 90 12.99 -26.94 -1.23
N VAL B 91 11.74 -27.00 -1.75
CA VAL B 91 10.82 -25.87 -1.92
C VAL B 91 10.51 -25.20 -0.56
N LEU B 92 10.11 -25.99 0.46
CA LEU B 92 9.81 -25.46 1.80
C LEU B 92 11.04 -24.89 2.52
N PHE B 93 12.24 -25.46 2.25
CA PHE B 93 13.51 -24.99 2.80
C PHE B 93 13.83 -23.62 2.20
N LEU B 94 13.74 -23.51 0.85
CA LEU B 94 14.00 -22.29 0.09
C LEU B 94 12.98 -21.18 0.40
N LEU B 95 11.74 -21.57 0.76
CA LEU B 95 10.69 -20.61 1.12
C LEU B 95 10.56 -20.47 2.65
N ASN B 96 11.74 -20.42 3.33
CA ASN B 96 11.98 -20.27 4.77
C ASN B 96 11.25 -21.31 5.64
N VAL B 97 9.90 -21.18 5.80
CA VAL B 97 9.06 -22.07 6.59
C VAL B 97 9.13 -23.49 6.01
N PHE B 98 9.97 -24.33 6.63
CA PHE B 98 10.24 -25.72 6.26
C PHE B 98 9.62 -26.68 7.26
N ILE B 99 9.00 -27.75 6.75
CA ILE B 99 8.41 -28.83 7.56
C ILE B 99 9.14 -30.13 7.21
N PRO B 100 9.63 -30.92 8.20
CA PRO B 100 10.36 -32.15 7.84
C PRO B 100 9.44 -33.26 7.33
N GLN B 101 9.79 -33.84 6.16
CA GLN B 101 9.03 -34.88 5.43
C GLN B 101 7.54 -34.51 5.35
N PRO B 102 7.19 -33.46 4.58
CA PRO B 102 5.79 -33.03 4.53
C PRO B 102 4.93 -33.87 3.60
N THR B 103 3.60 -33.73 3.73
CA THR B 103 2.60 -34.39 2.89
C THR B 103 1.98 -33.33 1.99
N LEU B 104 1.12 -33.73 1.03
CA LEU B 104 0.44 -32.82 0.12
C LEU B 104 -0.35 -31.77 0.90
N ALA B 105 -1.15 -32.20 1.90
CA ALA B 105 -1.95 -31.36 2.79
C ALA B 105 -1.12 -30.36 3.62
N GLN B 106 0.15 -30.72 3.93
CA GLN B 106 1.08 -29.87 4.67
C GLN B 106 1.67 -28.80 3.76
N LEU B 107 2.16 -29.21 2.56
CA LEU B 107 2.77 -28.36 1.54
C LEU B 107 1.76 -27.39 0.92
N ILE B 108 0.60 -27.89 0.43
CA ILE B 108 -0.48 -27.12 -0.18
C ILE B 108 -0.95 -26.01 0.78
N GLY B 109 -1.08 -26.37 2.07
CA GLY B 109 -1.46 -25.45 3.15
C GLY B 109 -0.42 -24.38 3.39
N ALA B 110 0.86 -24.77 3.49
CA ALA B 110 2.00 -23.87 3.72
C ALA B 110 2.23 -22.91 2.55
N LEU B 111 2.09 -23.40 1.30
CA LEU B 111 2.24 -22.60 0.08
C LEU B 111 1.11 -21.56 -0.03
N ARG B 112 -0.12 -21.95 0.38
CA ARG B 112 -1.29 -21.09 0.39
C ARG B 112 -1.20 -20.07 1.53
N ALA B 113 -0.53 -20.44 2.64
CA ALA B 113 -0.30 -19.58 3.80
C ALA B 113 0.73 -18.49 3.46
N LEU B 114 1.64 -18.79 2.52
CA LEU B 114 2.67 -17.87 2.04
C LEU B 114 2.08 -16.91 0.99
N LYS B 115 1.25 -17.44 0.07
CA LYS B 115 0.58 -16.69 -0.99
C LYS B 115 -0.39 -15.66 -0.43
N GLU B 116 -1.12 -16.02 0.65
CA GLU B 116 -2.07 -15.14 1.34
C GLU B 116 -1.31 -14.07 2.16
N GLU B 117 -0.06 -14.38 2.54
CA GLU B 117 0.83 -13.47 3.29
C GLU B 117 1.70 -12.62 2.34
N GLY B 118 1.55 -12.84 1.03
CA GLY B 118 2.28 -12.13 -0.01
C GLY B 118 3.75 -12.47 -0.12
N ARG B 119 4.26 -13.34 0.78
CA ARG B 119 5.66 -13.78 0.84
C ARG B 119 6.09 -14.61 -0.37
N LEU B 120 5.11 -15.17 -1.12
CA LEU B 120 5.33 -15.95 -2.33
C LEU B 120 4.94 -15.14 -3.57
N THR B 121 5.84 -15.10 -4.57
CA THR B 121 5.63 -14.39 -5.85
C THR B 121 5.83 -15.39 -7.00
N PHE B 122 5.46 -15.01 -8.25
CA PHE B 122 5.67 -15.85 -9.43
C PHE B 122 7.17 -15.98 -9.77
N PRO B 123 7.97 -14.88 -9.90
CA PRO B 123 9.41 -15.05 -10.20
C PRO B 123 10.21 -15.82 -9.15
N LEU B 124 9.79 -15.72 -7.87
CA LEU B 124 10.40 -16.45 -6.75
C LEU B 124 10.09 -17.94 -6.91
N LEU B 125 8.80 -18.28 -7.20
CA LEU B 125 8.30 -19.65 -7.42
C LEU B 125 9.01 -20.31 -8.60
N ALA B 126 9.36 -19.53 -9.64
CA ALA B 126 10.09 -19.99 -10.83
C ALA B 126 11.50 -20.42 -10.45
N GLU B 127 12.26 -19.55 -9.72
CA GLU B 127 13.61 -19.85 -9.25
C GLU B 127 13.56 -21.00 -8.24
N CYS B 128 12.51 -21.03 -7.39
CA CYS B 128 12.28 -22.07 -6.39
C CYS B 128 12.14 -23.45 -7.05
N LEU B 129 11.40 -23.51 -8.17
CA LEU B 129 11.21 -24.73 -8.96
C LEU B 129 12.45 -25.04 -9.79
N PHE B 130 13.24 -24.01 -10.15
CA PHE B 130 14.48 -24.15 -10.91
C PHE B 130 15.56 -24.81 -10.04
N ARG B 131 15.79 -24.25 -8.82
CA ARG B 131 16.78 -24.76 -7.85
C ARG B 131 16.45 -26.19 -7.42
N ALA B 132 15.15 -26.52 -7.36
CA ALA B 132 14.64 -27.85 -7.02
C ALA B 132 15.08 -28.88 -8.06
N GLY B 133 15.30 -28.43 -9.29
CA GLY B 133 15.71 -29.25 -10.42
C GLY B 133 14.53 -29.67 -11.27
N ARG B 134 13.36 -29.07 -11.00
CA ARG B 134 12.11 -29.35 -11.70
C ARG B 134 11.92 -28.44 -12.92
N ARG B 135 12.88 -28.51 -13.87
CA ARG B 135 12.87 -27.77 -15.13
C ARG B 135 11.71 -28.24 -16.01
N ASP B 136 11.25 -29.48 -15.79
CA ASP B 136 10.10 -30.12 -16.43
C ASP B 136 8.82 -29.37 -16.06
N LEU B 137 8.69 -28.96 -14.78
CA LEU B 137 7.55 -28.19 -14.27
C LEU B 137 7.59 -26.73 -14.74
N LEU B 138 8.79 -26.19 -15.02
CA LEU B 138 8.97 -24.83 -15.52
C LEU B 138 8.49 -24.78 -16.97
N ARG B 139 8.85 -25.81 -17.75
CA ARG B 139 8.51 -26.00 -19.15
C ARG B 139 7.01 -26.21 -19.35
N ASP B 140 6.45 -27.23 -18.68
CA ASP B 140 5.06 -27.66 -18.81
C ASP B 140 4.03 -26.87 -17.98
N LEU B 141 4.31 -26.56 -16.70
CA LEU B 141 3.33 -25.84 -15.88
C LEU B 141 3.49 -24.32 -15.86
N LEU B 142 4.73 -23.82 -15.67
CA LEU B 142 4.98 -22.37 -15.61
C LEU B 142 5.16 -21.72 -16.99
N HIS B 143 5.28 -22.55 -18.06
CA HIS B 143 5.45 -22.15 -19.46
C HIS B 143 6.73 -21.33 -19.71
N LEU B 144 7.71 -21.45 -18.81
CA LEU B 144 9.01 -20.77 -18.89
C LEU B 144 10.07 -21.75 -19.38
N ASP B 145 10.73 -21.39 -20.49
CA ASP B 145 11.81 -22.18 -21.09
C ASP B 145 13.01 -22.20 -20.13
N PRO B 146 13.43 -23.39 -19.63
CA PRO B 146 14.56 -23.44 -18.68
C PRO B 146 15.90 -22.99 -19.25
N ARG B 147 16.05 -23.01 -20.59
CA ARG B 147 17.25 -22.55 -21.31
C ARG B 147 17.36 -21.03 -21.15
N PHE B 148 16.19 -20.35 -21.16
CA PHE B 148 16.05 -18.90 -20.96
C PHE B 148 16.22 -18.54 -19.48
N LEU B 149 15.58 -19.33 -18.57
CA LEU B 149 15.61 -19.13 -17.13
C LEU B 149 17.02 -19.23 -16.55
N GLU B 150 17.83 -20.20 -17.05
CA GLU B 150 19.22 -20.40 -16.65
C GLU B 150 20.09 -19.21 -17.07
N ARG B 151 19.73 -18.56 -18.19
CA ARG B 151 20.39 -17.36 -18.73
C ARG B 151 19.94 -16.13 -17.94
N HIS B 152 18.64 -16.09 -17.54
CA HIS B 152 18.03 -15.03 -16.76
C HIS B 152 18.69 -14.94 -15.38
N LEU B 153 18.90 -16.09 -14.72
CA LEU B 153 19.52 -16.18 -13.41
C LEU B 153 21.02 -15.88 -13.39
N ALA B 154 21.69 -15.94 -14.57
CA ALA B 154 23.11 -15.64 -14.71
C ALA B 154 23.40 -14.17 -14.40
N GLY B 155 22.57 -13.28 -14.96
CA GLY B 155 22.67 -11.84 -14.77
C GLY B 155 21.58 -11.24 -13.91
N THR B 156 21.20 -11.94 -12.82
CA THR B 156 20.17 -11.50 -11.86
C THR B 156 20.49 -12.06 -10.47
N MET B 157 20.41 -11.20 -9.44
CA MET B 157 20.63 -11.55 -8.03
C MET B 157 19.59 -12.56 -7.58
N SER B 158 20.05 -13.69 -7.04
CA SER B 158 19.21 -14.80 -6.57
C SER B 158 18.29 -14.41 -5.42
N TYR B 159 17.08 -15.00 -5.40
CA TYR B 159 16.08 -14.79 -4.36
C TYR B 159 16.49 -15.49 -3.06
N PHE B 160 17.42 -16.47 -3.16
CA PHE B 160 17.90 -17.25 -2.04
C PHE B 160 19.35 -16.96 -1.66
N SER B 161 19.62 -17.03 -0.34
CA SER B 161 20.90 -16.79 0.33
C SER B 161 22.03 -17.71 -0.19
N PRO B 162 23.33 -17.29 -0.13
CA PRO B 162 24.40 -18.21 -0.56
C PRO B 162 24.42 -19.47 0.30
N TYR B 163 24.04 -19.34 1.60
CA TYR B 163 23.92 -20.44 2.57
C TYR B 163 22.80 -21.38 2.12
N GLN B 164 21.61 -20.82 1.78
CA GLN B 164 20.44 -21.56 1.30
C GLN B 164 20.84 -22.41 0.07
N LEU B 165 21.51 -21.77 -0.90
CA LEU B 165 21.99 -22.40 -2.13
C LEU B 165 23.13 -23.42 -1.88
N THR B 166 23.98 -23.18 -0.85
CA THR B 166 25.09 -24.09 -0.48
C THR B 166 24.51 -25.40 0.05
N VAL B 167 23.63 -25.32 1.08
CA VAL B 167 22.94 -26.47 1.70
C VAL B 167 22.24 -27.31 0.62
N LEU B 168 21.59 -26.64 -0.36
CA LEU B 168 20.91 -27.26 -1.49
C LEU B 168 21.91 -28.01 -2.40
N HIS B 169 23.10 -27.42 -2.64
CA HIS B 169 24.16 -28.02 -3.46
C HIS B 169 24.73 -29.28 -2.78
N VAL B 170 25.03 -29.19 -1.45
CA VAL B 170 25.55 -30.29 -0.62
C VAL B 170 24.56 -31.46 -0.65
N ASP B 171 23.26 -31.14 -0.48
CA ASP B 171 22.12 -32.08 -0.50
C ASP B 171 22.10 -32.92 -1.78
N GLY B 172 22.41 -32.28 -2.91
CA GLY B 172 22.46 -32.92 -4.22
C GLY B 172 23.61 -33.88 -4.40
N GLU B 173 24.80 -33.51 -3.88
CA GLU B 173 26.02 -34.30 -3.98
C GLU B 173 26.11 -35.45 -2.96
N LEU B 174 25.45 -35.33 -1.79
CA LEU B 174 25.44 -36.37 -0.76
C LEU B 174 24.62 -37.58 -1.26
N CYS B 175 25.14 -38.80 -1.07
CA CYS B 175 24.47 -40.01 -1.50
C CYS B 175 23.57 -40.62 -0.41
N ALA B 176 22.80 -41.67 -0.75
CA ALA B 176 21.88 -42.37 0.15
C ALA B 176 22.58 -42.99 1.36
N ARG B 177 23.80 -43.53 1.17
CA ARG B 177 24.62 -44.15 2.22
C ARG B 177 25.14 -43.09 3.21
N ASP B 178 25.61 -41.93 2.69
CA ASP B 178 26.15 -40.82 3.48
C ASP B 178 25.09 -40.21 4.40
N ILE B 179 23.84 -40.08 3.89
CA ILE B 179 22.71 -39.52 4.63
C ILE B 179 22.24 -40.52 5.72
N ARG B 180 22.43 -41.84 5.50
CA ARG B 180 22.12 -42.89 6.48
C ARG B 180 23.12 -42.80 7.63
N SER B 181 24.41 -42.59 7.30
CA SER B 181 25.52 -42.43 8.23
C SER B 181 25.40 -41.10 8.99
N LEU B 182 24.86 -40.05 8.31
CA LEU B 182 24.62 -38.72 8.86
C LEU B 182 23.62 -38.80 10.03
N ILE B 183 22.57 -39.62 9.87
CA ILE B 183 21.52 -39.85 10.89
C ILE B 183 22.11 -40.55 12.13
N PHE B 184 23.06 -41.48 11.91
CA PHE B 184 23.76 -42.23 12.96
C PHE B 184 24.66 -41.29 13.77
N LEU B 185 25.34 -40.34 13.09
CA LEU B 185 26.22 -39.35 13.71
C LEU B 185 25.40 -38.24 14.39
N SER B 186 24.17 -37.97 13.91
CA SER B 186 23.27 -36.96 14.46
C SER B 186 22.66 -37.38 15.80
N LYS B 187 22.68 -38.70 16.12
CA LYS B 187 22.17 -39.29 17.36
C LYS B 187 22.82 -38.70 18.63
N ASP B 188 23.97 -38.02 18.47
CA ASP B 188 24.71 -37.34 19.53
C ASP B 188 24.04 -35.99 19.90
N THR B 189 23.13 -35.50 19.03
CA THR B 189 22.37 -34.25 19.21
C THR B 189 20.86 -34.49 19.01
N ILE B 190 20.40 -35.75 19.21
CA ILE B 190 19.00 -36.16 19.06
C ILE B 190 18.57 -37.12 20.16
N THR B 195 14.23 -37.84 15.40
CA THR B 195 15.49 -37.95 14.65
C THR B 195 15.33 -37.54 13.17
N PRO B 196 16.38 -37.05 12.48
CA PRO B 196 16.22 -36.67 11.07
C PRO B 196 16.13 -37.86 10.13
N GLN B 197 15.44 -37.69 8.98
CA GLN B 197 15.26 -38.73 7.97
C GLN B 197 15.98 -38.38 6.65
N THR B 198 16.38 -37.10 6.50
CA THR B 198 17.10 -36.55 5.34
C THR B 198 18.16 -35.53 5.79
N PHE B 199 19.04 -35.08 4.86
CA PHE B 199 20.06 -34.09 5.15
C PHE B 199 19.44 -32.72 5.44
N LEU B 200 18.37 -32.37 4.70
CA LEU B 200 17.62 -31.12 4.92
C LEU B 200 16.87 -31.16 6.25
N HIS B 201 16.54 -32.37 6.75
CA HIS B 201 15.90 -32.58 8.05
C HIS B 201 16.98 -32.37 9.12
N TRP B 202 18.21 -32.87 8.87
CA TRP B 202 19.35 -32.72 9.78
C TRP B 202 19.71 -31.24 9.93
N VAL B 203 19.70 -30.49 8.81
CA VAL B 203 19.98 -29.05 8.76
C VAL B 203 18.96 -28.29 9.63
N TYR B 204 17.66 -28.61 9.46
CA TYR B 204 16.53 -28.01 10.22
C TYR B 204 16.67 -28.24 11.72
N CYS B 205 17.10 -29.46 12.13
CA CYS B 205 17.32 -29.83 13.53
C CYS B 205 18.46 -29.01 14.13
N MET B 206 19.57 -28.85 13.35
CA MET B 206 20.75 -28.09 13.74
C MET B 206 20.47 -26.58 13.78
N GLU B 207 19.61 -26.09 12.86
CA GLU B 207 19.19 -24.68 12.78
C GLU B 207 18.37 -24.29 14.01
N ASN B 208 17.48 -25.21 14.46
CA ASN B 208 16.64 -25.05 15.65
C ASN B 208 17.51 -25.12 16.91
N LEU B 209 18.49 -26.04 16.93
CA LEU B 209 19.43 -26.24 18.05
C LEU B 209 20.50 -25.13 18.10
N ASP B 210 20.59 -24.32 17.02
CA ASP B 210 21.51 -23.19 16.83
C ASP B 210 22.99 -23.61 16.85
N LEU B 211 23.34 -24.56 15.96
CA LEU B 211 24.68 -25.09 15.73
C LEU B 211 25.07 -24.79 14.29
N LEU B 212 24.06 -24.75 13.40
CA LEU B 212 24.17 -24.40 11.99
C LEU B 212 23.40 -23.10 11.76
N GLY B 213 23.79 -22.36 10.74
CA GLY B 213 23.17 -21.09 10.37
C GLY B 213 23.93 -20.37 9.27
N PRO B 214 23.33 -19.32 8.65
CA PRO B 214 24.04 -18.60 7.57
C PRO B 214 25.36 -17.97 7.98
N THR B 215 25.52 -17.62 9.27
CA THR B 215 26.73 -17.00 9.80
C THR B 215 27.86 -18.00 10.12
N ASP B 216 27.55 -19.18 10.71
CA ASP B 216 28.60 -20.13 11.12
C ASP B 216 29.02 -21.16 10.04
N VAL B 217 28.15 -22.13 9.70
CA VAL B 217 28.31 -23.24 8.72
C VAL B 217 29.46 -24.24 9.11
N ASP B 218 30.11 -24.05 10.29
CA ASP B 218 31.18 -24.91 10.81
C ASP B 218 30.69 -26.34 11.10
N ALA B 219 29.43 -26.47 11.57
CA ALA B 219 28.76 -27.73 11.88
C ALA B 219 28.52 -28.59 10.63
N LEU B 220 28.26 -27.94 9.48
CA LEU B 220 28.05 -28.60 8.18
C LEU B 220 29.36 -29.25 7.73
N MET B 221 30.49 -28.51 7.88
CA MET B 221 31.83 -28.95 7.53
C MET B 221 32.34 -30.04 8.49
N SER B 222 31.89 -30.00 9.76
CA SER B 222 32.25 -30.99 10.79
C SER B 222 31.65 -32.36 10.47
N MET B 223 30.40 -32.35 9.96
CA MET B 223 29.67 -33.56 9.55
C MET B 223 30.29 -34.12 8.26
N LEU B 224 30.57 -33.25 7.27
CA LEU B 224 31.18 -33.62 5.98
C LEU B 224 32.60 -34.17 6.13
N ARG B 225 33.33 -33.74 7.18
CA ARG B 225 34.67 -34.23 7.48
C ARG B 225 34.55 -35.63 8.09
N SER B 226 33.51 -35.85 8.92
CA SER B 226 33.22 -37.13 9.59
C SER B 226 32.33 -38.07 8.74
N LEU B 227 32.15 -37.75 7.46
CA LEU B 227 31.43 -38.56 6.46
C LEU B 227 32.38 -38.87 5.30
N SER B 228 33.66 -38.43 5.45
CA SER B 228 34.79 -38.54 4.51
C SER B 228 34.60 -37.73 3.21
N ARG B 229 33.54 -36.90 3.14
CA ARG B 229 33.28 -36.04 1.99
C ARG B 229 34.02 -34.71 2.15
N VAL B 230 35.37 -34.78 2.14
CA VAL B 230 36.29 -33.64 2.24
C VAL B 230 36.14 -32.71 1.04
N ASP B 231 35.71 -33.29 -0.11
CA ASP B 231 35.43 -32.57 -1.35
C ASP B 231 34.23 -31.65 -1.14
N LEU B 232 33.22 -32.13 -0.39
CA LEU B 232 32.02 -31.38 -0.03
C LEU B 232 32.32 -30.36 1.05
N GLN B 233 33.25 -30.71 1.98
CA GLN B 233 33.70 -29.84 3.05
C GLN B 233 34.44 -28.63 2.44
N ARG B 234 35.31 -28.90 1.44
CA ARG B 234 36.06 -27.89 0.70
C ARG B 234 35.13 -27.02 -0.15
N GLN B 235 34.05 -27.63 -0.70
CA GLN B 235 33.03 -26.95 -1.51
C GLN B 235 32.27 -25.91 -0.68
N VAL B 236 31.96 -26.23 0.59
CA VAL B 236 31.27 -25.34 1.55
C VAL B 236 32.22 -24.17 1.87
N GLN B 237 33.52 -24.48 2.08
CA GLN B 237 34.58 -23.51 2.37
C GLN B 237 34.76 -22.54 1.20
N THR B 238 34.66 -23.05 -0.05
CA THR B 238 34.77 -22.26 -1.28
C THR B 238 33.54 -21.34 -1.43
N LEU B 239 32.37 -21.84 -1.04
CA LEU B 239 31.08 -21.14 -1.12
C LEU B 239 30.87 -20.11 -0.01
N MET B 240 31.71 -20.11 1.03
CA MET B 240 31.63 -19.18 2.16
C MET B 240 32.83 -18.23 2.27
N GLY B 241 34.03 -18.75 2.01
CA GLY B 241 35.28 -18.00 2.03
C GLY B 241 35.87 -17.75 3.40
N LEU B 242 36.50 -16.56 3.57
CA LEU B 242 37.15 -16.13 4.81
C LEU B 242 36.27 -15.15 5.58
N LEU C 1 4.21 -14.37 -28.72
CA LEU C 1 3.61 -14.56 -27.40
C LEU C 1 4.59 -15.23 -26.42
N GLN C 2 5.34 -16.26 -26.87
CA GLN C 2 6.32 -16.97 -26.05
C GLN C 2 7.47 -16.05 -25.63
N VAL C 3 8.08 -15.33 -26.60
CA VAL C 3 9.17 -14.37 -26.38
C VAL C 3 8.65 -13.21 -25.51
N ALA C 4 7.37 -12.83 -25.70
CA ALA C 4 6.67 -11.78 -24.94
C ALA C 4 6.41 -12.25 -23.49
N TYR C 5 6.16 -13.56 -23.29
CA TYR C 5 5.92 -14.18 -21.98
C TYR C 5 7.23 -14.20 -21.20
N HIS C 6 8.35 -14.47 -21.90
CA HIS C 6 9.68 -14.49 -21.31
C HIS C 6 10.11 -13.05 -20.98
C2 6ZS C 7 9.22 -8.37 -22.82
N 6ZS C 7 9.73 -12.07 -21.84
CA 6ZS C 7 9.96 -10.62 -21.69
CB1 6ZS C 7 11.46 -10.31 -21.64
C 6ZS C 7 9.20 -10.14 -20.41
O 6ZS C 7 9.82 -9.59 -19.50
CB 6ZS C 7 9.38 -9.90 -22.91
N LEU C 8 7.85 -10.41 -20.35
CA LEU C 8 6.97 -10.06 -19.22
C LEU C 8 7.49 -10.60 -17.90
N PHE C 9 7.97 -11.86 -17.88
CA PHE C 9 8.53 -12.48 -16.69
C PHE C 9 9.76 -11.70 -16.20
N GLN C 10 10.67 -11.33 -17.13
CA GLN C 10 11.87 -10.57 -16.83
C GLN C 10 11.53 -9.19 -16.25
C2 6ZS C 11 8.92 -6.61 -18.75
N 6ZS C 11 10.52 -8.49 -16.84
CA 6ZS C 11 10.00 -7.19 -16.42
CB1 6ZS C 11 11.07 -6.10 -16.57
C 6ZS C 11 9.50 -7.28 -14.95
O 6ZS C 11 9.89 -6.45 -14.11
CB 6ZS C 11 8.75 -6.80 -17.24
N TYR C 12 8.65 -8.30 -14.64
CA TYR C 12 8.09 -8.55 -13.31
C TYR C 12 9.18 -8.91 -12.30
N ASP C 13 10.15 -9.77 -12.68
CA ASP C 13 11.26 -10.17 -11.83
C ASP C 13 12.15 -8.97 -11.48
N ASN C 14 12.51 -8.16 -12.51
CA ASN C 14 13.32 -6.95 -12.37
C ASN C 14 12.63 -5.90 -11.49
N HIS C 15 11.27 -5.86 -11.53
CA HIS C 15 10.44 -4.94 -10.74
C HIS C 15 10.52 -5.23 -9.25
N ILE C 16 10.46 -6.51 -8.84
CA ILE C 16 10.55 -6.92 -7.43
C ILE C 16 12.01 -6.77 -6.95
N LYS C 17 12.97 -7.00 -7.87
CA LYS C 17 14.41 -6.87 -7.61
C LYS C 17 14.82 -5.39 -7.45
N SER C 18 14.07 -4.47 -8.10
CA SER C 18 14.31 -3.02 -8.03
C SER C 18 13.56 -2.34 -6.88
N SER C 19 13.04 -3.13 -5.91
CA SER C 19 12.27 -2.60 -4.78
C SER C 19 13.13 -2.38 -3.54
N CYS C 20 13.51 -3.47 -2.83
CA CYS C 20 14.34 -3.45 -1.63
C CYS C 20 15.80 -3.28 -2.04
N LEU D 1 -14.27 11.30 27.09
CA LEU D 1 -14.41 11.26 25.64
C LEU D 1 -13.70 12.45 24.96
N GLN D 2 -13.85 13.66 25.53
CA GLN D 2 -13.22 14.88 25.01
C GLN D 2 -11.70 14.80 25.08
N VAL D 3 -11.15 14.45 26.26
CA VAL D 3 -9.72 14.28 26.51
C VAL D 3 -9.18 13.13 25.64
N ALA D 4 -10.01 12.08 25.45
CA ALA D 4 -9.72 10.91 24.61
C ALA D 4 -9.70 11.30 23.12
N TYR D 5 -10.56 12.26 22.71
CA TYR D 5 -10.66 12.77 21.34
C TYR D 5 -9.42 13.60 21.02
N HIS D 6 -8.94 14.37 22.02
CA HIS D 6 -7.73 15.18 21.91
C HIS D 6 -6.51 14.27 21.87
N 6ZS D 7 -6.52 13.15 22.67
CA 6ZS D 7 -5.50 12.11 22.73
CB1 6ZS D 7 -5.94 11.06 23.77
C 6ZS D 7 -5.40 11.42 21.35
O 6ZS D 7 -4.32 11.39 20.74
CB 6ZS D 7 -4.16 12.67 23.22
N LEU D 8 -6.55 10.90 20.81
CA LEU D 8 -6.66 10.24 19.50
C LEU D 8 -6.13 11.12 18.37
N PHE D 9 -6.46 12.42 18.40
CA PHE D 9 -5.99 13.39 17.39
C PHE D 9 -4.46 13.47 17.41
N GLN D 10 -3.86 13.56 18.62
CA GLN D 10 -2.41 13.62 18.81
C GLN D 10 -1.73 12.36 18.29
C2 6ZS D 11 -3.11 8.52 20.03
N 6ZS D 11 -2.31 11.17 18.58
CA 6ZS D 11 -1.85 9.83 18.13
CB1 6ZS D 11 -0.46 9.52 18.73
C 6ZS D 11 -1.79 9.81 16.57
O 6ZS D 11 -0.77 9.43 15.99
CB 6ZS D 11 -2.86 8.74 18.54
N TYR D 12 -2.91 10.21 15.92
CA TYR D 12 -3.04 10.26 14.45
C TYR D 12 -2.08 11.27 13.83
N ASP D 13 -1.95 12.47 14.43
CA ASP D 13 -1.04 13.52 13.96
C ASP D 13 0.42 13.05 14.04
N ASN D 14 0.81 12.46 15.19
CA ASN D 14 2.15 11.92 15.45
C ASN D 14 2.49 10.78 14.49
N HIS D 15 1.47 9.99 14.07
CA HIS D 15 1.59 8.86 13.15
C HIS D 15 1.98 9.33 11.73
N ILE D 16 1.34 10.40 11.21
CA ILE D 16 1.65 10.94 9.89
C ILE D 16 3.00 11.68 9.94
N LYS D 17 3.31 12.31 11.10
CA LYS D 17 4.56 13.03 11.35
C LYS D 17 5.74 12.08 11.48
N SER D 18 5.49 10.81 11.92
CA SER D 18 6.52 9.77 12.06
C SER D 18 6.77 9.00 10.77
N SER D 19 5.89 9.15 9.76
CA SER D 19 6.04 8.50 8.46
C SER D 19 7.19 9.15 7.68
N CYS D 20 7.17 10.49 7.53
CA CYS D 20 8.20 11.27 6.85
C CYS D 20 8.40 12.65 7.50
#